data_9GUE
#
_entry.id   9GUE
#
_cell.length_a   167.670
_cell.length_b   167.670
_cell.length_c   51.580
_cell.angle_alpha   90.000
_cell.angle_beta   90.000
_cell.angle_gamma   120.000
#
_symmetry.space_group_name_H-M   'P 31 2 1'
#
loop_
_entity.id
_entity.type
_entity.pdbx_description
1 polymer "2'-O-methyltransferase nsp16"
2 polymer 'Non-structural protein 10'
3 non-polymer 1,2-ETHANEDIOL
4 non-polymer '2-(N-MORPHOLINO)-ETHANESULFONIC ACID'
5 non-polymer 7-[(3~{S},4~{S},6~{R})-1-[(2~{S})-2-azanyl-4-methyl-pentanoyl]-4-methyl-4,6-bis(oxidanyl)azepan-3-yl]-1,3-dimethyl-purine-2,6-dione
6 non-polymer S-ADENOSYLMETHIONINE
7 non-polymer 'CHLORIDE ION'
8 non-polymer 'ZINC ION'
9 non-polymer IMIDAZOLE
10 water water
#
loop_
_entity_poly.entity_id
_entity_poly.type
_entity_poly.pdbx_seq_one_letter_code
_entity_poly.pdbx_strand_id
1 'polypeptide(L)'
;SSQAWQPGVAMPNLYKMQRMLLEKCDLQNYGDSATLPKGIMMNVAKYTQLCQYLNTLTLAVPYNMRVIHFGAGSDKGVAP
GTAVLRQWLPTGTLLVDSDLNDFVSDADSTLIGDCATVHTANKWDLIISDMYDPKTKNVTKENDSKEGFFTYICGFIQQK
LALGGSVAIKITEHSWNADLYKLMGHFAWWTAFVTNVNASSSEAFLIGCNYLGKPREQIDGYVMHANYIFWRNTNPIQLS
SYSLFDMSKFPLKLRGTAVMSLKEGQINDMILSLLSKGRLIIRENNRVVISSDVLVNNENLYFQ
;
A
2 'polypeptide(L)'
;GAGNATEVPANSTVLSFCAFAVDAAKAYKDYLASGGQPITNCVKMLCTHTGTGQAITVTPEANMDQESFGGASCCLYCRC
HIDHPNPKGFCDLKGKYVQIPTTCANDPVGFTLKNTVCTVCGMWKGYGCSCDQLREPMLQ
;
B
#
# COMPACT_ATOMS: atom_id res chain seq x y z
N SER A 1 15.86 -1.05 -22.43
CA SER A 1 16.97 -0.15 -22.15
C SER A 1 16.51 0.82 -21.06
N SER A 2 15.55 1.63 -21.54
CA SER A 2 14.85 2.64 -20.75
C SER A 2 14.04 2.05 -19.61
N GLN A 3 13.97 0.69 -19.53
N GLN A 3 13.96 0.72 -19.51
CA GLN A 3 13.26 0.04 -18.44
CA GLN A 3 13.17 0.13 -18.42
C GLN A 3 13.71 0.57 -17.09
C GLN A 3 13.71 0.54 -17.07
N ALA A 4 15.00 0.90 -16.97
CA ALA A 4 15.57 1.29 -15.68
C ALA A 4 15.02 2.61 -15.15
N TRP A 5 14.47 3.46 -16.02
CA TRP A 5 13.87 4.73 -15.61
C TRP A 5 12.37 4.59 -15.35
N GLN A 6 11.78 3.46 -15.64
CA GLN A 6 10.39 3.22 -15.27
C GLN A 6 10.28 2.80 -13.81
N PRO A 7 9.08 2.80 -13.26
CA PRO A 7 8.91 2.27 -11.89
C PRO A 7 9.03 0.77 -11.84
N GLY A 8 8.93 0.09 -12.98
CA GLY A 8 9.07 -1.34 -13.02
C GLY A 8 8.70 -1.84 -14.38
N VAL A 9 8.40 -3.12 -14.47
CA VAL A 9 8.15 -3.73 -15.77
C VAL A 9 6.90 -4.57 -15.68
N ALA A 10 5.97 -4.34 -16.60
CA ALA A 10 4.77 -5.16 -16.73
C ALA A 10 4.95 -6.29 -17.75
N MET A 11 4.33 -7.42 -17.47
CA MET A 11 4.48 -8.60 -18.32
C MET A 11 3.94 -8.31 -19.73
N PRO A 12 4.77 -8.40 -20.75
CA PRO A 12 4.34 -8.09 -22.12
C PRO A 12 3.22 -9.00 -22.58
N ASN A 13 2.32 -8.44 -23.39
CA ASN A 13 1.11 -9.14 -23.77
C ASN A 13 1.40 -10.46 -24.45
N LEU A 14 2.51 -10.56 -25.18
CA LEU A 14 2.74 -11.81 -25.90
C LEU A 14 3.03 -12.95 -24.93
N TYR A 15 3.65 -12.66 -23.79
CA TYR A 15 3.87 -13.76 -22.85
C TYR A 15 2.55 -14.24 -22.27
N LYS A 16 1.58 -13.34 -22.10
CA LYS A 16 0.27 -13.75 -21.60
C LYS A 16 -0.42 -14.74 -22.51
N MET A 17 -0.10 -14.70 -23.81
CA MET A 17 -0.75 -15.53 -24.81
C MET A 17 -0.10 -16.89 -25.02
N GLN A 18 0.91 -17.23 -24.23
CA GLN A 18 1.58 -18.49 -24.46
C GLN A 18 0.83 -19.59 -23.74
N ARG A 19 1.30 -20.83 -23.93
N ARG A 19 1.27 -20.83 -23.96
CA ARG A 19 0.78 -21.99 -23.22
CA ARG A 19 0.78 -21.99 -23.22
C ARG A 19 1.96 -22.75 -22.63
C ARG A 19 1.98 -22.73 -22.65
N MET A 20 2.70 -22.09 -21.73
CA MET A 20 3.91 -22.67 -21.19
C MET A 20 3.59 -23.66 -20.09
N LEU A 21 4.55 -24.53 -19.80
CA LEU A 21 4.50 -25.37 -18.62
C LEU A 21 5.28 -24.73 -17.49
N LEU A 22 4.87 -25.02 -16.25
CA LEU A 22 5.48 -24.43 -15.08
C LEU A 22 6.86 -25.01 -14.81
N GLU A 23 7.85 -24.14 -14.66
CA GLU A 23 9.21 -24.51 -14.32
C GLU A 23 9.57 -23.78 -13.04
N LYS A 24 10.71 -24.14 -12.47
CA LYS A 24 11.33 -23.40 -11.39
C LYS A 24 11.76 -22.02 -11.87
N CYS A 25 11.67 -21.04 -10.97
CA CYS A 25 12.08 -19.68 -11.30
C CYS A 25 13.55 -19.53 -10.94
N ASP A 26 14.37 -19.14 -11.92
CA ASP A 26 15.80 -18.90 -11.77
C ASP A 26 16.11 -17.49 -12.29
N LEU A 27 16.30 -16.54 -11.38
CA LEU A 27 16.57 -15.16 -11.75
C LEU A 27 18.07 -14.93 -11.72
N GLN A 28 18.61 -14.41 -12.82
CA GLN A 28 20.06 -14.18 -12.89
C GLN A 28 20.51 -13.17 -11.85
N ASN A 29 19.74 -12.12 -11.62
N ASN A 29 19.71 -12.12 -11.64
CA ASN A 29 20.14 -11.11 -10.65
CA ASN A 29 20.01 -11.06 -10.69
C ASN A 29 19.68 -11.46 -9.23
C ASN A 29 19.56 -11.43 -9.27
N TYR A 30 19.27 -12.70 -9.01
CA TYR A 30 18.86 -13.12 -7.66
C TYR A 30 19.91 -12.75 -6.64
N GLY A 31 19.46 -12.27 -5.49
CA GLY A 31 20.34 -11.89 -4.39
C GLY A 31 20.90 -10.48 -4.48
N ASP A 32 21.00 -9.91 -5.69
CA ASP A 32 21.30 -8.50 -5.84
C ASP A 32 20.26 -7.65 -5.11
N SER A 33 20.68 -6.47 -4.65
CA SER A 33 19.77 -5.48 -4.08
C SER A 33 20.00 -4.14 -4.77
N ALA A 34 18.91 -3.39 -4.94
CA ALA A 34 19.02 -2.04 -5.48
C ALA A 34 19.55 -1.11 -4.38
N THR A 35 20.12 0.00 -4.81
CA THR A 35 20.60 1.00 -3.87
C THR A 35 19.45 1.98 -3.60
N LEU A 36 18.87 1.89 -2.46
CA LEU A 36 17.76 2.74 -2.10
C LEU A 36 18.27 4.12 -1.65
N PRO A 37 17.48 5.16 -1.84
CA PRO A 37 17.86 6.46 -1.27
C PRO A 37 18.06 6.36 0.22
N LYS A 38 18.90 7.25 0.74
CA LYS A 38 19.28 7.19 2.14
C LYS A 38 18.08 7.15 3.06
N GLY A 39 18.05 6.12 3.92
CA GLY A 39 17.05 6.02 4.96
C GLY A 39 15.70 5.54 4.51
N ILE A 40 15.54 5.13 3.25
CA ILE A 40 14.26 4.69 2.73
C ILE A 40 14.20 3.15 2.84
N MET A 41 13.09 2.64 3.38
CA MET A 41 12.78 1.23 3.53
C MET A 41 12.40 0.60 2.18
N MET A 42 12.74 -0.67 2.00
CA MET A 42 12.34 -1.41 0.81
C MET A 42 10.84 -1.32 0.57
N ASN A 43 10.02 -1.44 1.62
CA ASN A 43 8.58 -1.41 1.38
C ASN A 43 8.04 -0.04 0.99
N VAL A 44 8.63 1.03 1.50
CA VAL A 44 8.26 2.34 0.96
C VAL A 44 8.59 2.43 -0.52
N ALA A 45 9.79 1.98 -0.89
CA ALA A 45 10.21 2.09 -2.29
C ALA A 45 9.32 1.24 -3.18
N LYS A 46 9.02 0.04 -2.72
CA LYS A 46 8.23 -0.91 -3.47
C LYS A 46 6.84 -0.37 -3.70
N TYR A 47 6.19 0.12 -2.65
CA TYR A 47 4.85 0.66 -2.87
C TYR A 47 4.87 1.94 -3.69
N THR A 48 5.90 2.78 -3.55
CA THR A 48 5.98 3.95 -4.41
C THR A 48 6.01 3.56 -5.88
N GLN A 49 6.81 2.56 -6.23
CA GLN A 49 6.88 2.14 -7.63
C GLN A 49 5.58 1.53 -8.10
N LEU A 50 4.93 0.75 -7.24
CA LEU A 50 3.62 0.23 -7.59
C LEU A 50 2.65 1.36 -7.91
N CYS A 51 2.54 2.33 -7.01
CA CYS A 51 1.66 3.48 -7.23
C CYS A 51 2.06 4.25 -8.47
N GLN A 52 3.36 4.47 -8.71
CA GLN A 52 3.77 5.13 -9.95
C GLN A 52 3.28 4.37 -11.18
N TYR A 53 3.30 3.04 -11.14
CA TYR A 53 2.77 2.28 -12.28
C TYR A 53 1.27 2.42 -12.35
N LEU A 54 0.61 2.37 -11.19
CA LEU A 54 -0.83 2.46 -11.22
C LEU A 54 -1.26 3.80 -11.81
N ASN A 55 -0.41 4.84 -11.68
CA ASN A 55 -0.77 6.15 -12.23
C ASN A 55 -0.87 6.11 -13.75
N THR A 56 -0.31 5.09 -14.40
CA THR A 56 -0.37 4.99 -15.86
C THR A 56 -1.60 4.24 -16.36
N LEU A 57 -2.47 3.73 -15.49
CA LEU A 57 -3.60 2.92 -15.92
C LEU A 57 -4.86 3.75 -15.80
N THR A 58 -5.98 3.18 -16.20
CA THR A 58 -7.27 3.89 -16.21
C THR A 58 -8.07 3.61 -14.94
N LEU A 59 -7.45 3.87 -13.80
CA LEU A 59 -8.12 3.67 -12.53
C LEU A 59 -9.28 4.64 -12.39
N ALA A 60 -10.38 4.16 -11.85
CA ALA A 60 -11.48 5.05 -11.48
C ALA A 60 -11.15 5.69 -10.15
N VAL A 61 -11.38 6.99 -10.04
CA VAL A 61 -11.00 7.73 -8.85
C VAL A 61 -12.18 8.63 -8.47
N PRO A 62 -13.19 8.09 -7.80
CA PRO A 62 -14.35 8.90 -7.42
C PRO A 62 -14.10 9.72 -6.18
N TYR A 63 -14.96 10.72 -5.99
CA TYR A 63 -15.07 11.36 -4.68
C TYR A 63 -15.48 10.30 -3.68
N ASN A 64 -15.03 10.43 -2.44
N ASN A 64 -15.00 10.44 -2.44
CA ASN A 64 -15.36 9.45 -1.39
CA ASN A 64 -15.31 9.48 -1.38
C ASN A 64 -14.85 8.06 -1.77
C ASN A 64 -14.87 8.08 -1.80
N MET A 65 -13.65 8.01 -2.33
CA MET A 65 -13.05 6.75 -2.72
C MET A 65 -12.87 5.86 -1.49
N ARG A 66 -12.95 4.56 -1.71
CA ARG A 66 -12.81 3.54 -0.66
C ARG A 66 -11.75 2.56 -1.10
N VAL A 67 -10.72 2.41 -0.28
CA VAL A 67 -9.57 1.54 -0.54
C VAL A 67 -9.31 0.64 0.65
N ILE A 68 -9.08 -0.64 0.38
CA ILE A 68 -8.72 -1.53 1.47
C ILE A 68 -7.43 -2.25 1.15
N HIS A 69 -6.60 -2.42 2.17
CA HIS A 69 -5.21 -2.86 2.08
C HIS A 69 -4.99 -4.02 3.04
N PHE A 70 -4.89 -5.24 2.50
CA PHE A 70 -4.57 -6.43 3.28
C PHE A 70 -3.07 -6.69 3.34
N GLY A 71 -2.64 -7.30 4.43
CA GLY A 71 -1.24 -7.61 4.61
C GLY A 71 -0.42 -6.37 4.87
N ALA A 72 -0.95 -5.44 5.64
CA ALA A 72 -0.36 -4.12 5.78
C ALA A 72 0.63 -3.98 6.92
N GLY A 73 0.78 -4.97 7.79
CA GLY A 73 1.70 -4.85 8.90
C GLY A 73 3.08 -5.37 8.54
N SER A 74 4.13 -4.80 9.10
CA SER A 74 5.47 -5.30 8.93
C SER A 74 5.94 -5.99 10.21
N ASP A 75 7.05 -6.71 10.07
CA ASP A 75 7.73 -7.22 11.26
C ASP A 75 8.24 -6.09 12.16
N LYS A 76 8.21 -4.84 11.70
N LYS A 76 8.20 -4.84 11.67
CA LYS A 76 8.64 -3.73 12.52
CA LYS A 76 8.63 -3.71 12.49
C LYS A 76 7.50 -3.11 13.34
C LYS A 76 7.53 -3.21 13.40
N GLY A 77 6.28 -3.60 13.17
CA GLY A 77 5.15 -3.06 13.90
C GLY A 77 4.53 -1.79 13.33
N VAL A 78 4.91 -1.38 12.11
CA VAL A 78 4.39 -0.19 11.43
C VAL A 78 3.85 -0.64 10.08
N ALA A 79 3.30 0.30 9.31
CA ALA A 79 2.61 0.01 8.05
C ALA A 79 3.18 0.95 6.98
N PRO A 80 4.39 0.68 6.50
CA PRO A 80 4.99 1.52 5.45
C PRO A 80 4.14 1.63 4.19
N GLY A 81 3.58 0.51 3.71
CA GLY A 81 2.79 0.53 2.49
C GLY A 81 1.52 1.36 2.62
N THR A 82 0.84 1.27 3.77
CA THR A 82 -0.30 2.13 4.02
C THR A 82 0.10 3.60 3.95
N ALA A 83 1.25 3.94 4.51
CA ALA A 83 1.69 5.32 4.49
C ALA A 83 1.92 5.80 3.06
N VAL A 84 2.42 4.94 2.18
CA VAL A 84 2.57 5.32 0.77
C VAL A 84 1.19 5.41 0.10
N LEU A 85 0.30 4.49 0.37
CA LEU A 85 -1.02 4.55 -0.26
C LEU A 85 -1.73 5.83 0.14
N ARG A 86 -1.61 6.20 1.39
CA ARG A 86 -2.31 7.42 1.81
C ARG A 86 -1.68 8.68 1.24
N GLN A 87 -0.38 8.69 1.08
CA GLN A 87 0.27 9.77 0.34
C GLN A 87 -0.27 9.86 -1.08
N TRP A 88 -0.32 8.71 -1.77
CA TRP A 88 -0.74 8.61 -3.16
C TRP A 88 -2.20 8.96 -3.37
N LEU A 89 -3.08 8.40 -2.54
CA LEU A 89 -4.50 8.59 -2.74
C LEU A 89 -4.90 10.04 -2.44
N PRO A 90 -5.96 10.52 -3.07
CA PRO A 90 -6.43 11.88 -2.75
C PRO A 90 -6.75 12.03 -1.25
N THR A 91 -6.45 13.22 -0.73
CA THR A 91 -6.78 13.52 0.64
C THR A 91 -8.26 13.27 0.91
N GLY A 92 -8.54 12.62 2.03
CA GLY A 92 -9.88 12.26 2.34
C GLY A 92 -10.29 10.89 1.89
N THR A 93 -9.50 10.23 1.03
CA THR A 93 -9.83 8.86 0.65
C THR A 93 -9.98 8.00 1.90
N LEU A 94 -11.05 7.23 1.95
CA LEU A 94 -11.24 6.27 3.04
C LEU A 94 -10.30 5.07 2.85
N LEU A 95 -9.41 4.83 3.81
CA LEU A 95 -8.39 3.79 3.70
C LEU A 95 -8.49 2.89 4.93
N VAL A 96 -8.76 1.61 4.69
CA VAL A 96 -8.80 0.57 5.72
C VAL A 96 -7.65 -0.38 5.51
N ASP A 97 -6.98 -0.77 6.59
CA ASP A 97 -5.99 -1.82 6.41
C ASP A 97 -6.12 -2.91 7.48
N SER A 98 -5.35 -3.96 7.25
CA SER A 98 -5.55 -5.21 7.97
C SER A 98 -4.30 -6.07 7.91
N ASP A 99 -4.13 -6.85 8.97
CA ASP A 99 -3.04 -7.82 9.01
C ASP A 99 -3.31 -8.77 10.18
N LEU A 100 -2.60 -9.90 10.13
CA LEU A 100 -2.71 -10.94 11.16
C LEU A 100 -2.23 -10.45 12.52
N ASN A 101 -1.16 -9.67 12.56
CA ASN A 101 -0.56 -9.26 13.81
C ASN A 101 -0.66 -7.76 14.01
N ASP A 102 -0.56 -7.37 15.28
CA ASP A 102 -0.78 -5.99 15.66
C ASP A 102 0.22 -5.06 14.96
N PHE A 103 -0.23 -3.87 14.56
CA PHE A 103 0.68 -2.90 13.99
C PHE A 103 0.05 -1.51 14.12
N VAL A 104 0.91 -0.51 14.02
CA VAL A 104 0.55 0.90 14.13
C VAL A 104 0.44 1.46 12.72
N SER A 105 -0.67 2.13 12.42
CA SER A 105 -0.99 2.50 11.06
C SER A 105 -1.57 3.90 10.94
N ASP A 106 -1.39 4.51 9.76
CA ASP A 106 -2.01 5.76 9.36
C ASP A 106 -3.37 5.57 8.68
N ALA A 107 -3.86 4.35 8.55
CA ALA A 107 -5.15 4.16 7.93
C ALA A 107 -6.28 4.72 8.80
N ASP A 108 -7.45 4.94 8.18
CA ASP A 108 -8.59 5.45 8.94
C ASP A 108 -9.12 4.39 9.91
N SER A 109 -9.02 3.11 9.53
N SER A 109 -9.05 3.12 9.52
CA SER A 109 -9.40 2.01 10.41
CA SER A 109 -9.32 2.07 10.48
C SER A 109 -8.48 0.83 10.10
C SER A 109 -8.44 0.87 10.13
N THR A 110 -8.14 0.08 11.15
CA THR A 110 -7.24 -1.07 11.05
C THR A 110 -7.91 -2.26 11.71
N LEU A 111 -7.93 -3.40 11.05
CA LEU A 111 -8.50 -4.64 11.60
C LEU A 111 -7.39 -5.65 11.76
N ILE A 112 -7.24 -6.19 12.96
CA ILE A 112 -6.17 -7.15 13.27
C ILE A 112 -6.82 -8.51 13.36
N GLY A 113 -6.32 -9.46 12.58
CA GLY A 113 -6.83 -10.81 12.54
C GLY A 113 -6.61 -11.42 11.17
N ASP A 114 -6.89 -12.72 11.09
CA ASP A 114 -6.82 -13.39 9.81
C ASP A 114 -7.75 -12.69 8.83
N CYS A 115 -7.37 -12.61 7.57
CA CYS A 115 -8.20 -11.85 6.64
C CYS A 115 -9.59 -12.46 6.51
N ALA A 116 -9.73 -13.77 6.70
CA ALA A 116 -11.03 -14.44 6.58
C ALA A 116 -12.02 -13.94 7.64
N THR A 117 -11.54 -13.28 8.69
CA THR A 117 -12.45 -12.72 9.70
C THR A 117 -12.99 -11.33 9.33
N VAL A 118 -12.50 -10.73 8.25
CA VAL A 118 -12.86 -9.37 7.84
C VAL A 118 -14.12 -9.39 7.00
N HIS A 119 -15.09 -8.58 7.40
CA HIS A 119 -16.36 -8.40 6.72
C HIS A 119 -16.59 -6.90 6.55
N THR A 120 -17.20 -6.54 5.44
CA THR A 120 -17.54 -5.14 5.19
C THR A 120 -18.93 -5.09 4.59
N ALA A 121 -19.69 -4.06 4.97
CA ALA A 121 -21.03 -3.88 4.42
C ALA A 121 -20.96 -3.35 2.99
N ASN A 122 -20.01 -2.49 2.74
CA ASN A 122 -19.87 -1.74 1.50
C ASN A 122 -18.92 -2.40 0.50
N LYS A 123 -18.96 -1.87 -0.71
CA LYS A 123 -18.06 -2.28 -1.79
C LYS A 123 -16.92 -1.27 -1.85
N TRP A 124 -15.82 -1.68 -2.49
CA TRP A 124 -14.56 -0.97 -2.50
C TRP A 124 -14.21 -0.60 -3.94
N ASP A 125 -13.49 0.50 -4.08
CA ASP A 125 -13.00 0.97 -5.38
C ASP A 125 -11.62 0.44 -5.74
N LEU A 126 -10.80 0.09 -4.75
CA LEU A 126 -9.46 -0.41 -4.98
C LEU A 126 -9.13 -1.35 -3.82
N ILE A 127 -8.59 -2.53 -4.13
CA ILE A 127 -8.15 -3.51 -3.14
C ILE A 127 -6.66 -3.76 -3.37
N ILE A 128 -5.85 -3.57 -2.34
CA ILE A 128 -4.41 -3.85 -2.37
C ILE A 128 -4.13 -4.97 -1.37
N SER A 129 -3.30 -5.94 -1.77
CA SER A 129 -2.90 -7.02 -0.89
C SER A 129 -1.40 -7.23 -1.00
N ASP A 130 -0.74 -7.12 0.13
CA ASP A 130 0.64 -7.59 0.27
C ASP A 130 0.73 -8.88 1.10
N MET A 131 -0.35 -9.62 1.21
CA MET A 131 -0.41 -10.79 2.06
C MET A 131 0.58 -11.80 1.50
N TYR A 132 1.30 -12.48 2.36
CA TYR A 132 2.40 -13.36 1.95
C TYR A 132 2.84 -14.19 3.16
N ASP A 133 3.03 -15.48 2.96
CA ASP A 133 3.58 -16.39 3.97
C ASP A 133 4.91 -16.96 3.50
N PRO A 134 6.04 -16.56 4.08
CA PRO A 134 7.33 -16.96 3.49
C PRO A 134 7.59 -18.45 3.57
N LYS A 135 6.83 -19.19 4.37
CA LYS A 135 6.92 -20.64 4.40
C LYS A 135 6.51 -21.27 3.07
N THR A 136 5.95 -20.49 2.14
CA THR A 136 5.64 -21.06 0.83
C THR A 136 6.88 -21.19 -0.06
N LYS A 137 7.97 -20.50 0.27
N LYS A 137 8.00 -20.57 0.30
CA LYS A 137 9.20 -20.58 -0.52
CA LYS A 137 9.18 -20.59 -0.56
C LYS A 137 9.95 -21.88 -0.28
C LYS A 137 9.94 -21.89 -0.44
N ASN A 138 9.22 -22.99 -0.26
CA ASN A 138 9.79 -24.33 -0.13
C ASN A 138 10.08 -24.86 -1.54
N VAL A 139 11.36 -24.76 -1.95
CA VAL A 139 11.78 -25.14 -3.29
C VAL A 139 11.94 -26.65 -3.47
N THR A 140 11.77 -27.44 -2.41
CA THR A 140 11.88 -28.89 -2.49
C THR A 140 10.54 -29.58 -2.74
N LYS A 141 9.42 -28.88 -2.58
CA LYS A 141 8.10 -29.45 -2.83
C LYS A 141 7.51 -28.91 -4.14
N GLU A 142 6.55 -29.65 -4.68
CA GLU A 142 5.90 -29.23 -5.91
C GLU A 142 5.19 -27.90 -5.68
N ASN A 143 5.03 -27.13 -6.76
CA ASN A 143 4.50 -25.76 -6.67
C ASN A 143 3.06 -25.74 -7.19
N ASP A 144 2.11 -26.03 -6.30
CA ASP A 144 0.71 -26.07 -6.69
C ASP A 144 0.05 -24.74 -6.37
N SER A 145 -1.09 -24.50 -7.02
CA SER A 145 -1.92 -23.36 -6.65
C SER A 145 -2.22 -23.37 -5.16
N LYS A 146 -2.10 -22.21 -4.52
CA LYS A 146 -2.31 -22.12 -3.09
C LYS A 146 -3.72 -21.61 -2.77
N GLU A 147 -4.21 -21.97 -1.60
CA GLU A 147 -5.54 -21.56 -1.18
C GLU A 147 -5.37 -20.48 -0.12
N GLY A 148 -5.76 -20.77 1.12
CA GLY A 148 -5.53 -19.86 2.23
C GLY A 148 -6.12 -18.50 1.96
N PHE A 149 -5.29 -17.46 2.12
CA PHE A 149 -5.82 -16.11 1.95
C PHE A 149 -6.19 -15.81 0.51
N PHE A 150 -5.67 -16.58 -0.46
CA PHE A 150 -6.06 -16.35 -1.85
C PHE A 150 -7.52 -16.72 -2.06
N THR A 151 -8.00 -17.76 -1.39
CA THR A 151 -9.40 -18.10 -1.50
C THR A 151 -10.26 -16.97 -0.99
N TYR A 152 -9.85 -16.36 0.13
CA TYR A 152 -10.60 -15.21 0.64
C TYR A 152 -10.60 -14.06 -0.35
N ILE A 153 -9.43 -13.73 -0.89
CA ILE A 153 -9.28 -12.59 -1.79
C ILE A 153 -10.17 -12.75 -3.02
N CYS A 154 -10.18 -13.96 -3.60
CA CYS A 154 -11.05 -14.21 -4.75
C CYS A 154 -12.52 -13.95 -4.39
N GLY A 155 -13.00 -14.50 -3.28
CA GLY A 155 -14.37 -14.23 -2.88
C GLY A 155 -14.62 -12.77 -2.57
N PHE A 156 -13.66 -12.13 -1.91
CA PHE A 156 -13.84 -10.71 -1.57
C PHE A 156 -13.97 -9.87 -2.82
N ILE A 157 -13.19 -10.17 -3.83
CA ILE A 157 -13.27 -9.37 -5.04
C ILE A 157 -14.63 -9.55 -5.69
N GLN A 158 -15.09 -10.79 -5.79
CA GLN A 158 -16.33 -11.04 -6.50
C GLN A 158 -17.51 -10.47 -5.75
N GLN A 159 -17.41 -10.36 -4.42
CA GLN A 159 -18.53 -9.90 -3.64
C GLN A 159 -18.47 -8.43 -3.28
N LYS A 160 -17.28 -7.85 -3.13
CA LYS A 160 -17.18 -6.51 -2.57
C LYS A 160 -16.35 -5.54 -3.41
N LEU A 161 -15.84 -5.92 -4.58
CA LEU A 161 -15.23 -4.91 -5.42
C LEU A 161 -16.28 -4.22 -6.29
N ALA A 162 -16.30 -2.90 -6.27
CA ALA A 162 -17.23 -2.21 -7.15
C ALA A 162 -16.94 -2.48 -8.61
N LEU A 163 -17.98 -2.56 -9.43
CA LEU A 163 -17.73 -2.56 -10.87
C LEU A 163 -16.97 -1.30 -11.23
N GLY A 164 -15.95 -1.44 -12.09
CA GLY A 164 -15.04 -0.33 -12.39
C GLY A 164 -13.81 -0.26 -11.50
N GLY A 165 -13.82 -0.97 -10.39
CA GLY A 165 -12.73 -0.96 -9.44
C GLY A 165 -11.53 -1.74 -9.92
N SER A 166 -10.45 -1.64 -9.17
CA SER A 166 -9.19 -2.25 -9.56
C SER A 166 -8.56 -2.95 -8.38
N VAL A 167 -7.62 -3.85 -8.66
CA VAL A 167 -6.93 -4.55 -7.59
C VAL A 167 -5.44 -4.63 -7.94
N ALA A 168 -4.66 -4.83 -6.89
CA ALA A 168 -3.24 -5.18 -7.02
C ALA A 168 -2.90 -6.15 -5.90
N ILE A 169 -2.64 -7.40 -6.28
CA ILE A 169 -2.47 -8.50 -5.35
C ILE A 169 -1.06 -9.06 -5.51
N LYS A 170 -0.29 -9.04 -4.43
CA LYS A 170 1.05 -9.60 -4.44
C LYS A 170 1.06 -11.13 -4.58
N ILE A 171 1.91 -11.60 -5.50
CA ILE A 171 2.16 -13.01 -5.76
C ILE A 171 3.67 -13.19 -5.84
N THR A 172 4.09 -14.45 -5.86
CA THR A 172 5.49 -14.78 -6.06
C THR A 172 5.52 -16.09 -6.83
N GLU A 173 6.72 -16.64 -7.03
CA GLU A 173 6.82 -17.97 -7.65
C GLU A 173 5.90 -18.98 -6.98
N HIS A 174 5.99 -19.12 -5.66
CA HIS A 174 5.21 -20.11 -4.91
C HIS A 174 3.92 -19.57 -4.28
N SER A 175 3.79 -18.26 -4.07
CA SER A 175 2.57 -17.67 -3.49
C SER A 175 1.70 -17.19 -4.64
N TRP A 176 0.79 -18.04 -5.10
CA TRP A 176 -0.07 -17.72 -6.23
C TRP A 176 -1.28 -18.62 -6.16
N ASN A 177 -2.28 -18.30 -6.98
CA ASN A 177 -3.54 -19.01 -6.96
C ASN A 177 -4.13 -18.95 -8.35
N ALA A 178 -4.58 -20.09 -8.87
CA ALA A 178 -5.05 -20.18 -10.24
C ALA A 178 -6.37 -19.45 -10.46
N ASP A 179 -7.29 -19.51 -9.48
CA ASP A 179 -8.54 -18.77 -9.64
C ASP A 179 -8.32 -17.27 -9.64
N LEU A 180 -7.31 -16.77 -8.94
CA LEU A 180 -7.08 -15.33 -9.01
C LEU A 180 -6.64 -14.90 -10.40
N TYR A 181 -5.75 -15.66 -11.04
CA TYR A 181 -5.46 -15.37 -12.43
C TYR A 181 -6.70 -15.46 -13.30
N LYS A 182 -7.53 -16.49 -13.10
CA LYS A 182 -8.78 -16.60 -13.84
C LYS A 182 -9.63 -15.36 -13.65
N LEU A 183 -9.64 -14.82 -12.43
CA LEU A 183 -10.46 -13.64 -12.17
C LEU A 183 -9.93 -12.40 -12.87
N MET A 184 -8.62 -12.32 -13.13
CA MET A 184 -8.05 -11.29 -13.98
C MET A 184 -8.78 -11.15 -15.29
N GLY A 185 -9.33 -12.25 -15.81
CA GLY A 185 -10.13 -12.15 -17.01
C GLY A 185 -11.48 -11.49 -16.82
N HIS A 186 -11.84 -11.07 -15.61
CA HIS A 186 -13.09 -10.36 -15.34
C HIS A 186 -12.89 -8.86 -15.26
N PHE A 187 -11.72 -8.40 -15.61
CA PHE A 187 -11.35 -6.99 -15.65
C PHE A 187 -11.19 -6.62 -17.12
N ALA A 188 -11.29 -5.33 -17.40
CA ALA A 188 -11.08 -4.85 -18.76
C ALA A 188 -9.64 -5.05 -19.22
N TRP A 189 -8.71 -5.13 -18.29
CA TRP A 189 -7.29 -5.32 -18.56
C TRP A 189 -6.61 -5.79 -17.30
N TRP A 190 -5.48 -6.48 -17.45
CA TRP A 190 -4.76 -7.04 -16.33
C TRP A 190 -3.30 -7.13 -16.74
N THR A 191 -2.44 -7.18 -15.73
CA THR A 191 -1.03 -7.49 -15.95
C THR A 191 -0.44 -8.07 -14.66
N ALA A 192 0.81 -8.52 -14.76
CA ALA A 192 1.67 -8.80 -13.61
C ALA A 192 2.82 -7.82 -13.69
N PHE A 193 2.95 -6.98 -12.66
CA PHE A 193 3.88 -5.87 -12.60
C PHE A 193 4.97 -6.19 -11.59
N VAL A 194 6.20 -6.05 -12.02
CA VAL A 194 7.39 -6.23 -11.18
C VAL A 194 8.00 -4.87 -10.89
N THR A 195 8.23 -4.54 -9.60
CA THR A 195 8.88 -3.27 -9.26
C THR A 195 10.35 -3.33 -9.59
N ASN A 196 10.90 -2.22 -10.10
CA ASN A 196 12.33 -2.20 -10.40
C ASN A 196 13.17 -2.32 -9.15
N VAL A 197 12.69 -1.86 -7.99
CA VAL A 197 13.54 -2.01 -6.81
C VAL A 197 13.62 -3.46 -6.34
N ASN A 198 12.63 -4.31 -6.67
CA ASN A 198 12.61 -5.69 -6.19
C ASN A 198 12.70 -6.69 -7.34
N ALA A 199 13.38 -6.30 -8.41
CA ALA A 199 13.35 -7.06 -9.66
C ALA A 199 14.14 -8.34 -9.55
N SER A 200 14.91 -8.50 -8.48
CA SER A 200 15.67 -9.71 -8.19
C SER A 200 14.83 -10.78 -7.51
N SER A 201 13.58 -10.48 -7.21
CA SER A 201 12.64 -11.40 -6.61
C SER A 201 11.58 -11.85 -7.63
N SER A 202 11.04 -13.05 -7.40
CA SER A 202 9.95 -13.54 -8.25
C SER A 202 8.61 -12.88 -7.87
N GLU A 203 8.62 -12.01 -6.86
CA GLU A 203 7.43 -11.22 -6.57
C GLU A 203 6.92 -10.49 -7.81
N ALA A 204 5.61 -10.34 -7.86
CA ALA A 204 4.93 -9.39 -8.75
C ALA A 204 3.61 -8.99 -8.10
N PHE A 205 3.05 -7.90 -8.59
CA PHE A 205 1.67 -7.54 -8.28
C PHE A 205 0.78 -7.90 -9.45
N LEU A 206 -0.18 -8.78 -9.22
CA LEU A 206 -1.21 -9.06 -10.20
C LEU A 206 -2.26 -7.97 -10.14
N ILE A 207 -2.42 -7.24 -11.25
CA ILE A 207 -3.21 -6.03 -11.32
C ILE A 207 -4.40 -6.28 -12.24
N GLY A 208 -5.60 -6.10 -11.70
CA GLY A 208 -6.82 -6.10 -12.50
C GLY A 208 -7.36 -4.67 -12.56
N CYS A 209 -7.52 -4.18 -13.78
CA CYS A 209 -7.85 -2.80 -14.07
C CYS A 209 -9.29 -2.73 -14.62
N ASN A 210 -10.19 -2.13 -13.84
CA ASN A 210 -11.62 -1.92 -14.15
C ASN A 210 -12.43 -3.21 -14.20
N TYR A 211 -13.00 -3.56 -13.05
CA TYR A 211 -13.73 -4.78 -12.88
C TYR A 211 -15.07 -4.76 -13.60
N LEU A 212 -15.35 -5.83 -14.30
CA LEU A 212 -16.56 -5.92 -15.08
C LEU A 212 -17.57 -6.89 -14.49
N GLY A 213 -17.20 -7.67 -13.48
CA GLY A 213 -18.14 -8.55 -12.83
C GLY A 213 -18.52 -9.79 -13.60
N LYS A 214 -17.88 -10.06 -14.72
CA LYS A 214 -18.13 -11.25 -15.51
C LYS A 214 -16.93 -11.49 -16.40
N PRO A 215 -16.77 -12.69 -16.93
CA PRO A 215 -15.58 -12.97 -17.74
C PRO A 215 -15.66 -12.23 -19.06
N ARG A 216 -14.66 -11.40 -19.31
CA ARG A 216 -14.37 -10.90 -20.63
C ARG A 216 -13.53 -11.91 -21.41
N GLU A 217 -12.73 -12.68 -20.68
CA GLU A 217 -11.74 -13.57 -21.25
C GLU A 217 -11.62 -14.77 -20.33
N GLN A 218 -11.54 -15.95 -20.93
CA GLN A 218 -11.34 -17.17 -20.17
C GLN A 218 -9.84 -17.42 -20.01
N ILE A 219 -9.36 -17.38 -18.77
CA ILE A 219 -7.95 -17.56 -18.47
C ILE A 219 -7.82 -18.81 -17.62
N ASP A 220 -6.94 -19.72 -18.06
CA ASP A 220 -6.50 -20.86 -17.27
C ASP A 220 -5.36 -20.40 -16.37
N GLY A 221 -5.61 -20.39 -15.07
CA GLY A 221 -4.64 -19.82 -14.14
C GLY A 221 -3.38 -20.62 -13.93
N TYR A 222 -3.45 -21.96 -14.03
CA TYR A 222 -2.22 -22.75 -13.99
C TYR A 222 -1.31 -22.40 -15.17
N VAL A 223 -1.87 -22.28 -16.35
CA VAL A 223 -1.07 -21.91 -17.51
C VAL A 223 -0.56 -20.47 -17.37
N MET A 224 -1.40 -19.55 -16.90
CA MET A 224 -0.94 -18.17 -16.86
C MET A 224 0.19 -17.99 -15.85
N HIS A 225 0.18 -18.73 -14.75
CA HIS A 225 1.29 -18.59 -13.83
C HIS A 225 2.57 -19.13 -14.45
N ALA A 226 2.47 -20.25 -15.18
CA ALA A 226 3.61 -20.75 -15.94
C ALA A 226 4.08 -19.72 -16.95
N ASN A 227 3.15 -19.04 -17.62
CA ASN A 227 3.53 -17.97 -18.55
C ASN A 227 4.28 -16.85 -17.84
N TYR A 228 3.82 -16.47 -16.65
CA TYR A 228 4.46 -15.44 -15.83
C TYR A 228 5.89 -15.84 -15.46
N ILE A 229 6.09 -17.07 -15.01
CA ILE A 229 7.42 -17.55 -14.64
C ILE A 229 8.32 -17.64 -15.87
N PHE A 230 7.77 -18.10 -16.98
CA PHE A 230 8.55 -18.13 -18.21
C PHE A 230 9.10 -16.75 -18.56
N TRP A 231 8.23 -15.73 -18.47
CA TRP A 231 8.63 -14.36 -18.72
C TRP A 231 9.77 -13.96 -17.79
N ARG A 232 9.58 -14.15 -16.48
CA ARG A 232 10.61 -13.79 -15.51
C ARG A 232 11.90 -14.56 -15.78
N ASN A 233 11.80 -15.85 -16.15
CA ASN A 233 12.98 -16.67 -16.35
C ASN A 233 13.78 -16.19 -17.55
N THR A 234 13.14 -15.60 -18.55
CA THR A 234 13.81 -15.27 -19.78
C THR A 234 14.03 -13.80 -19.95
N ASN A 235 13.64 -12.99 -18.99
CA ASN A 235 13.77 -11.55 -19.10
C ASN A 235 14.33 -10.93 -17.85
N PRO A 236 15.65 -10.93 -17.69
CA PRO A 236 16.27 -10.28 -16.54
C PRO A 236 15.86 -8.82 -16.46
N ILE A 237 15.52 -8.36 -15.26
CA ILE A 237 15.18 -6.98 -15.02
C ILE A 237 16.31 -6.37 -14.21
N GLN A 238 16.90 -5.30 -14.72
CA GLN A 238 17.91 -4.54 -13.99
C GLN A 238 17.30 -3.87 -12.76
N LEU A 239 17.86 -4.18 -11.59
CA LEU A 239 17.45 -3.50 -10.40
C LEU A 239 17.63 -2.00 -10.58
N SER A 240 16.64 -1.24 -10.18
CA SER A 240 16.74 0.20 -10.35
C SER A 240 15.87 0.93 -9.35
N SER A 241 16.44 1.99 -8.76
N SER A 241 16.42 2.01 -8.79
CA SER A 241 15.74 2.92 -7.86
CA SER A 241 15.70 2.93 -7.91
C SER A 241 15.48 4.27 -8.51
C SER A 241 15.44 4.29 -8.56
N TYR A 242 15.73 4.40 -9.82
N TYR A 242 15.78 4.46 -9.84
CA TYR A 242 15.74 5.70 -10.49
CA TYR A 242 15.71 5.79 -10.44
C TYR A 242 14.42 6.46 -10.33
C TYR A 242 14.38 6.47 -10.18
N SER A 243 13.28 5.79 -10.50
CA SER A 243 11.99 6.47 -10.45
C SER A 243 11.67 7.04 -9.06
N LEU A 244 12.36 6.61 -8.02
CA LEU A 244 12.05 7.12 -6.68
C LEU A 244 12.48 8.55 -6.50
N PHE A 245 13.38 9.02 -7.35
CA PHE A 245 13.89 10.37 -7.25
C PHE A 245 13.02 11.39 -8.00
N ASP A 246 11.94 10.98 -8.65
CA ASP A 246 11.03 11.95 -9.24
C ASP A 246 9.60 11.72 -8.79
N MET A 247 9.19 12.44 -7.76
CA MET A 247 7.88 12.40 -7.16
C MET A 247 6.95 13.52 -7.57
N SER A 248 7.35 14.34 -8.55
CA SER A 248 6.56 15.53 -8.86
C SER A 248 5.17 15.18 -9.35
N LYS A 249 5.02 14.06 -10.05
CA LYS A 249 3.72 13.66 -10.57
C LYS A 249 3.15 12.44 -9.83
N PHE A 250 3.59 12.22 -8.60
CA PHE A 250 3.17 11.03 -7.86
C PHE A 250 1.68 10.99 -7.52
N PRO A 251 1.06 12.06 -6.99
CA PRO A 251 -0.31 11.91 -6.48
C PRO A 251 -1.28 11.39 -7.51
N LEU A 252 -2.13 10.48 -7.11
CA LEU A 252 -3.20 10.04 -7.99
C LEU A 252 -4.14 11.21 -8.27
N LYS A 253 -4.42 11.43 -9.56
N LYS A 253 -4.41 11.46 -9.56
CA LYS A 253 -5.32 12.51 -9.98
CA LYS A 253 -5.28 12.57 -9.92
C LYS A 253 -6.74 12.23 -9.50
C LYS A 253 -6.72 12.26 -9.53
N LEU A 254 -7.36 13.19 -8.84
CA LEU A 254 -8.75 13.01 -8.41
C LEU A 254 -9.65 13.27 -9.62
N ARG A 255 -10.09 12.19 -10.27
CA ARG A 255 -10.86 12.31 -11.51
C ARG A 255 -12.34 12.59 -11.27
N GLY A 256 -12.80 12.53 -10.03
CA GLY A 256 -14.21 12.69 -9.75
C GLY A 256 -15.06 11.70 -10.50
N THR A 257 -14.52 10.52 -10.78
CA THR A 257 -15.24 9.52 -11.55
C THR A 257 -16.63 9.34 -11.00
N ALA A 258 -17.62 9.16 -11.89
CA ALA A 258 -19.01 9.07 -11.47
C ALA A 258 -19.29 7.73 -10.80
N VAL A 259 -20.12 7.78 -9.75
CA VAL A 259 -20.60 6.61 -9.05
C VAL A 259 -22.11 6.50 -9.23
N MET A 260 -22.57 5.33 -9.66
CA MET A 260 -23.99 5.08 -9.76
C MET A 260 -24.33 3.76 -9.11
N SER A 261 -25.49 3.70 -8.50
CA SER A 261 -26.08 2.45 -8.08
C SER A 261 -26.87 1.92 -9.28
N LEU A 262 -26.68 0.66 -9.61
CA LEU A 262 -27.42 0.03 -10.69
C LEU A 262 -27.62 -1.44 -10.34
N LYS A 263 -28.72 -1.98 -10.83
CA LYS A 263 -29.02 -3.40 -10.65
C LYS A 263 -28.50 -4.18 -11.84
N GLU A 264 -28.00 -5.39 -11.57
CA GLU A 264 -27.73 -6.31 -12.66
C GLU A 264 -28.94 -6.33 -13.58
N GLY A 265 -28.70 -6.12 -14.88
CA GLY A 265 -29.77 -5.99 -15.84
C GLY A 265 -29.88 -4.59 -16.42
N GLN A 266 -29.45 -3.58 -15.66
CA GLN A 266 -29.19 -2.28 -16.26
C GLN A 266 -27.79 -2.19 -16.86
N ILE A 267 -26.95 -3.21 -16.64
CA ILE A 267 -25.58 -3.21 -17.15
C ILE A 267 -25.59 -3.60 -18.61
N ASN A 268 -25.60 -2.61 -19.49
CA ASN A 268 -25.57 -2.80 -20.93
C ASN A 268 -24.18 -2.49 -21.48
N ASP A 269 -24.04 -2.60 -22.81
CA ASP A 269 -22.75 -2.45 -23.47
C ASP A 269 -22.22 -1.02 -23.35
N MET A 270 -23.11 -0.04 -23.26
N MET A 270 -23.10 -0.03 -23.27
CA MET A 270 -22.69 1.34 -23.02
CA MET A 270 -22.62 1.33 -23.03
C MET A 270 -22.09 1.49 -21.62
C MET A 270 -22.06 1.47 -21.63
N ILE A 271 -22.70 0.84 -20.64
CA ILE A 271 -22.20 0.89 -19.27
C ILE A 271 -20.87 0.16 -19.17
N LEU A 272 -20.82 -1.06 -19.71
CA LEU A 272 -19.59 -1.83 -19.73
C LEU A 272 -18.47 -1.09 -20.42
N SER A 273 -18.78 -0.33 -21.47
CA SER A 273 -17.74 0.42 -22.15
C SER A 273 -17.18 1.52 -21.26
N LEU A 274 -18.07 2.18 -20.51
CA LEU A 274 -17.62 3.22 -19.59
C LEU A 274 -16.83 2.64 -18.42
N LEU A 275 -17.32 1.52 -17.87
CA LEU A 275 -16.56 0.80 -16.85
C LEU A 275 -15.17 0.47 -17.35
N SER A 276 -15.06 -0.07 -18.58
N SER A 276 -15.06 -0.08 -18.57
CA SER A 276 -13.79 -0.50 -19.14
CA SER A 276 -13.79 -0.50 -19.14
C SER A 276 -12.83 0.65 -19.39
C SER A 276 -12.84 0.64 -19.41
N LYS A 277 -13.31 1.88 -19.38
CA LYS A 277 -12.49 3.05 -19.68
C LYS A 277 -12.11 3.83 -18.43
N GLY A 278 -12.46 3.34 -17.25
CA GLY A 278 -12.16 4.08 -16.05
C GLY A 278 -13.04 5.28 -15.81
N ARG A 279 -14.23 5.30 -16.40
CA ARG A 279 -15.11 6.46 -16.33
C ARG A 279 -16.35 6.22 -15.46
N LEU A 280 -16.44 5.07 -14.79
CA LEU A 280 -17.64 4.80 -14.01
C LEU A 280 -17.36 3.76 -12.92
N ILE A 281 -17.97 3.99 -11.75
CA ILE A 281 -17.98 3.06 -10.64
C ILE A 281 -19.43 2.72 -10.32
N ILE A 282 -19.74 1.44 -10.15
CA ILE A 282 -21.06 0.99 -9.76
C ILE A 282 -21.00 0.35 -8.38
N ARG A 283 -21.73 0.95 -7.44
CA ARG A 283 -21.86 0.50 -6.05
C ARG A 283 -22.76 1.50 -5.36
N GLU A 284 -23.24 1.13 -4.17
CA GLU A 284 -23.91 2.10 -3.33
C GLU A 284 -22.88 3.07 -2.74
N ASN A 285 -23.34 4.26 -2.40
CA ASN A 285 -22.50 5.30 -1.80
C ASN A 285 -22.90 5.54 -0.35
N ASN A 286 -23.22 4.46 0.35
CA ASN A 286 -23.60 4.57 1.75
C ASN A 286 -22.36 4.79 2.62
N ARG A 287 -22.54 4.61 3.91
CA ARG A 287 -21.43 4.73 4.84
C ARG A 287 -20.64 3.42 4.87
N VAL A 288 -19.37 3.56 5.21
CA VAL A 288 -18.44 2.44 5.19
C VAL A 288 -18.37 1.85 6.58
N VAL A 289 -18.72 0.57 6.69
CA VAL A 289 -18.80 -0.15 7.95
C VAL A 289 -18.08 -1.47 7.79
N ILE A 290 -17.19 -1.77 8.72
CA ILE A 290 -16.37 -2.95 8.65
C ILE A 290 -16.43 -3.67 9.99
N SER A 291 -16.03 -4.93 9.99
CA SER A 291 -15.88 -5.63 11.26
C SER A 291 -14.94 -6.80 11.14
N SER A 292 -14.49 -7.28 12.29
CA SER A 292 -13.63 -8.45 12.38
C SER A 292 -14.30 -9.47 13.29
N ASP A 293 -14.53 -10.69 12.77
CA ASP A 293 -15.04 -11.77 13.60
C ASP A 293 -14.03 -12.14 14.68
N VAL A 294 -14.51 -12.31 15.91
CA VAL A 294 -13.69 -12.72 17.05
C VAL A 294 -14.23 -14.04 17.59
N LEU A 295 -13.33 -15.02 17.67
CA LEU A 295 -13.64 -16.31 18.24
C LEU A 295 -13.54 -16.23 19.76
N VAL A 296 -14.59 -16.63 20.45
CA VAL A 296 -14.59 -16.55 21.90
C VAL A 296 -14.35 -17.94 22.47
N ASN A 297 -13.49 -18.01 23.49
CA ASN A 297 -13.11 -19.23 24.18
C ASN A 297 -12.83 -18.89 25.64
N ASN A 298 -13.23 -19.80 26.52
CA ASN A 298 -12.88 -19.73 27.94
C ASN A 298 -12.03 -20.93 28.27
N GLU A 299 -10.75 -20.69 28.58
CA GLU A 299 -9.73 -21.71 28.77
C GLU A 299 -9.62 -22.20 30.22
N ASN A 300 -10.47 -21.70 31.12
CA ASN A 300 -10.36 -21.98 32.54
C ASN A 300 -10.90 -23.37 32.88
N LEU A 301 -10.28 -23.99 33.89
CA LEU A 301 -10.26 -25.44 34.14
C LEU A 301 -10.23 -26.28 32.85
N ALA B 19 -4.93 8.57 41.16
CA ALA B 19 -3.99 9.65 40.91
C ALA B 19 -2.72 9.20 40.17
N PHE B 20 -2.62 7.91 39.83
CA PHE B 20 -1.45 7.38 39.13
C PHE B 20 -1.74 7.28 37.63
N ALA B 21 -0.79 7.78 36.84
CA ALA B 21 -0.76 7.62 35.39
C ALA B 21 0.69 7.47 34.93
N VAL B 22 0.92 6.51 34.04
CA VAL B 22 2.23 6.38 33.41
C VAL B 22 2.57 7.66 32.67
N ASP B 23 3.79 8.16 32.85
CA ASP B 23 4.27 9.34 32.12
C ASP B 23 5.32 8.86 31.10
N ALA B 24 4.84 8.54 29.89
CA ALA B 24 5.74 7.98 28.88
C ALA B 24 6.67 9.05 28.30
N ALA B 25 6.16 10.25 28.05
CA ALA B 25 6.99 11.36 27.59
C ALA B 25 8.25 11.49 28.43
N LYS B 26 8.07 11.62 29.74
CA LYS B 26 9.22 11.81 30.62
C LYS B 26 10.15 10.61 30.55
N ALA B 27 9.59 9.39 30.53
CA ALA B 27 10.43 8.21 30.49
C ALA B 27 11.30 8.16 29.22
N TYR B 28 10.73 8.56 28.08
CA TYR B 28 11.53 8.55 26.86
C TYR B 28 12.57 9.66 26.91
N LYS B 29 12.19 10.85 27.41
CA LYS B 29 13.16 11.93 27.54
C LYS B 29 14.31 11.52 28.47
N ASP B 30 14.01 10.82 29.57
CA ASP B 30 15.06 10.38 30.48
C ASP B 30 15.90 9.28 29.84
N TYR B 31 15.27 8.36 29.10
CA TYR B 31 16.00 7.30 28.42
C TYR B 31 16.98 7.88 27.40
N LEU B 32 16.53 8.90 26.67
CA LEU B 32 17.40 9.51 25.67
C LEU B 32 18.61 10.14 26.34
N ALA B 33 18.37 10.97 27.36
CA ALA B 33 19.46 11.61 28.10
C ALA B 33 20.43 10.60 28.70
N SER B 34 19.93 9.43 29.08
CA SER B 34 20.77 8.36 29.60
C SER B 34 21.57 7.66 28.51
N GLY B 35 21.56 8.17 27.28
CA GLY B 35 22.27 7.52 26.20
C GLY B 35 21.54 6.41 25.49
N GLY B 36 20.20 6.36 25.59
CA GLY B 36 19.46 5.31 24.91
C GLY B 36 19.28 5.57 23.43
N GLN B 37 19.15 4.48 22.69
CA GLN B 37 19.00 4.54 21.23
C GLN B 37 17.60 5.05 20.87
N PRO B 38 17.48 6.10 20.06
CA PRO B 38 16.14 6.58 19.70
C PRO B 38 15.28 5.50 19.04
N ILE B 39 13.96 5.65 19.19
CA ILE B 39 13.05 4.74 18.52
C ILE B 39 13.31 4.74 17.02
N THR B 40 13.30 3.55 16.44
CA THR B 40 13.61 3.30 15.04
C THR B 40 12.36 2.95 14.25
N ASN B 41 12.58 2.74 12.95
CA ASN B 41 11.56 2.31 12.00
C ASN B 41 10.43 3.30 11.83
N CYS B 42 10.65 4.57 12.18
CA CYS B 42 9.78 5.62 11.69
C CYS B 42 9.77 5.57 10.17
N VAL B 43 8.59 5.75 9.58
CA VAL B 43 8.41 5.46 8.16
C VAL B 43 8.73 6.73 7.36
N LYS B 44 9.89 6.77 6.70
CA LYS B 44 10.28 7.94 5.91
C LYS B 44 9.73 7.83 4.49
N MET B 45 9.10 8.91 4.04
CA MET B 45 8.48 8.97 2.72
C MET B 45 9.38 9.56 1.65
N LEU B 46 9.18 9.08 0.43
CA LEU B 46 9.75 9.73 -0.74
C LEU B 46 8.87 10.93 -1.08
N CYS B 47 9.51 12.06 -1.35
CA CYS B 47 8.80 13.26 -1.75
C CYS B 47 9.78 14.14 -2.52
N THR B 48 9.28 15.28 -3.02
CA THR B 48 10.10 16.22 -3.79
C THR B 48 11.05 17.02 -2.91
N HIS B 49 10.71 17.19 -1.65
CA HIS B 49 11.44 18.12 -0.78
C HIS B 49 11.41 19.53 -1.33
N THR B 50 10.27 19.89 -1.93
CA THR B 50 9.97 21.25 -2.36
C THR B 50 8.65 21.69 -1.79
N GLY B 51 8.32 21.19 -0.59
CA GLY B 51 7.05 21.48 0.03
C GLY B 51 7.08 22.68 0.95
N THR B 52 5.93 22.92 1.61
CA THR B 52 5.75 24.13 2.42
C THR B 52 6.61 24.14 3.66
N GLY B 53 7.07 23.01 4.12
CA GLY B 53 7.81 22.99 5.37
C GLY B 53 6.95 23.04 6.62
N GLN B 54 5.63 23.06 6.50
CA GLN B 54 4.82 23.02 7.72
C GLN B 54 5.03 21.71 8.47
N ALA B 55 4.65 21.70 9.74
CA ALA B 55 5.08 20.66 10.66
C ALA B 55 4.32 19.36 10.44
N ILE B 56 3.00 19.43 10.37
CA ILE B 56 2.12 18.27 10.33
C ILE B 56 1.10 18.49 9.24
N THR B 57 1.06 17.61 8.23
CA THR B 57 0.27 17.93 7.06
C THR B 57 -0.43 16.69 6.54
N VAL B 58 -1.38 16.89 5.63
CA VAL B 58 -2.15 15.76 5.15
C VAL B 58 -1.44 14.94 4.08
N THR B 59 -0.34 15.44 3.54
CA THR B 59 0.48 14.80 2.52
C THR B 59 1.90 15.28 2.81
N PRO B 60 2.94 14.53 2.42
CA PRO B 60 4.30 14.99 2.72
C PRO B 60 4.56 16.40 2.20
N GLU B 61 5.23 17.23 3.01
CA GLU B 61 5.49 18.62 2.72
C GLU B 61 6.91 19.03 3.10
N ALA B 62 7.82 18.09 3.21
CA ALA B 62 9.21 18.38 3.46
C ALA B 62 9.74 19.42 2.48
N ASN B 63 10.49 20.37 3.01
CA ASN B 63 11.24 21.28 2.18
C ASN B 63 12.65 20.74 2.05
N MET B 64 13.58 21.57 1.59
CA MET B 64 14.94 21.07 1.35
C MET B 64 15.66 20.66 2.62
N ASP B 65 15.24 21.17 3.77
CA ASP B 65 15.96 20.89 5.00
C ASP B 65 15.21 19.92 5.91
N GLN B 66 14.25 19.16 5.38
CA GLN B 66 13.44 18.26 6.19
C GLN B 66 13.29 16.90 5.53
N GLU B 67 12.90 15.93 6.34
CA GLU B 67 12.35 14.66 5.89
C GLU B 67 10.90 14.57 6.33
N SER B 68 10.09 13.90 5.53
CA SER B 68 8.69 13.69 5.83
C SER B 68 8.54 12.24 6.27
N PHE B 69 7.70 12.01 7.28
CA PHE B 69 7.49 10.69 7.85
C PHE B 69 6.01 10.43 8.03
N GLY B 70 5.59 9.18 7.87
CA GLY B 70 4.24 8.84 8.24
C GLY B 70 3.99 9.13 9.72
N GLY B 71 2.88 9.77 10.06
CA GLY B 71 2.78 10.36 11.39
C GLY B 71 2.65 9.33 12.49
N ALA B 72 1.82 8.32 12.29
CA ALA B 72 1.66 7.32 13.34
C ALA B 72 2.98 6.76 13.80
N SER B 73 3.88 6.46 12.86
CA SER B 73 5.18 5.85 13.19
C SER B 73 6.08 6.79 13.97
N CYS B 74 5.75 8.07 14.07
CA CYS B 74 6.54 9.06 14.83
C CYS B 74 5.87 9.46 16.15
N CYS B 75 4.77 8.83 16.49
CA CYS B 75 4.00 9.19 17.67
C CYS B 75 4.40 8.25 18.78
N LEU B 76 4.94 8.80 19.87
CA LEU B 76 5.35 7.98 21.01
C LEU B 76 4.21 7.08 21.49
N TYR B 77 3.02 7.65 21.67
CA TYR B 77 1.89 6.90 22.21
C TYR B 77 1.42 5.81 21.25
N CYS B 78 1.32 6.13 19.96
CA CYS B 78 1.02 5.09 18.98
C CYS B 78 2.05 3.96 19.07
N ARG B 79 3.35 4.30 19.08
CA ARG B 79 4.37 3.28 18.95
C ARG B 79 4.50 2.42 20.20
N CYS B 80 4.16 2.99 21.36
CA CYS B 80 4.26 2.28 22.62
C CYS B 80 2.97 1.58 23.00
N HIS B 81 1.90 1.78 22.23
CA HIS B 81 0.61 1.16 22.49
C HIS B 81 0.05 1.64 23.81
N ILE B 82 0.04 2.96 24.00
CA ILE B 82 -0.50 3.56 25.20
C ILE B 82 -1.46 4.68 24.83
N ASP B 83 -2.24 5.10 25.83
CA ASP B 83 -3.32 6.04 25.57
C ASP B 83 -2.73 7.40 25.23
N HIS B 84 -3.43 8.14 24.40
CA HIS B 84 -2.91 9.45 24.09
C HIS B 84 -3.28 10.42 25.21
N PRO B 85 -2.47 11.44 25.42
CA PRO B 85 -2.75 12.38 26.53
C PRO B 85 -4.05 13.19 26.38
N ASN B 86 -4.46 13.51 25.16
CA ASN B 86 -5.79 14.05 24.85
C ASN B 86 -6.81 13.40 25.78
N PRO B 87 -7.74 14.18 26.36
CA PRO B 87 -8.78 13.54 27.18
C PRO B 87 -9.72 12.70 26.37
N LYS B 88 -9.70 12.87 25.06
CA LYS B 88 -10.52 12.12 24.13
C LYS B 88 -9.71 11.05 23.39
N GLY B 89 -8.39 11.01 23.58
CA GLY B 89 -7.55 10.00 22.98
C GLY B 89 -7.14 10.24 21.54
N PHE B 90 -7.45 11.41 20.97
CA PHE B 90 -7.16 11.71 19.58
C PHE B 90 -5.65 11.91 19.41
N CYS B 91 -5.14 11.51 18.24
CA CYS B 91 -3.73 11.62 17.90
C CYS B 91 -3.49 12.76 16.93
N ASP B 92 -2.53 13.62 17.27
CA ASP B 92 -2.19 14.72 16.35
C ASP B 92 -1.57 14.21 15.06
N LEU B 93 -0.93 13.06 15.08
CA LEU B 93 -0.03 12.66 14.01
C LEU B 93 -0.63 11.59 13.11
N LYS B 94 -1.42 10.70 13.69
CA LYS B 94 -1.89 9.53 12.96
C LYS B 94 -2.67 9.96 11.73
N GLY B 95 -2.34 9.34 10.59
CA GLY B 95 -3.09 9.62 9.39
C GLY B 95 -2.60 10.86 8.67
N LYS B 96 -1.56 11.51 9.19
CA LYS B 96 -0.92 12.67 8.60
C LYS B 96 0.57 12.38 8.38
N TYR B 97 1.30 13.39 7.90
CA TYR B 97 2.74 13.32 7.70
C TYR B 97 3.38 14.38 8.55
N VAL B 98 4.52 14.06 9.12
CA VAL B 98 5.25 14.99 9.96
C VAL B 98 6.58 15.29 9.29
N GLN B 99 6.87 16.58 9.18
CA GLN B 99 8.14 17.05 8.68
C GLN B 99 9.12 17.20 9.84
N ILE B 100 10.29 16.64 9.67
CA ILE B 100 11.29 16.64 10.72
C ILE B 100 12.54 17.29 10.12
N PRO B 101 13.14 18.26 10.79
CA PRO B 101 14.45 18.76 10.34
C PRO B 101 15.41 17.63 10.09
N THR B 102 16.11 17.69 8.95
CA THR B 102 17.05 16.64 8.59
C THR B 102 18.10 16.44 9.67
N THR B 103 18.53 17.50 10.32
CA THR B 103 19.52 17.32 11.38
C THR B 103 18.98 16.50 12.56
N CYS B 104 17.65 16.43 12.73
CA CYS B 104 17.04 15.70 13.83
C CYS B 104 16.37 14.41 13.41
N ALA B 105 16.50 14.01 12.16
CA ALA B 105 15.72 12.88 11.65
C ALA B 105 16.20 11.54 12.17
N ASN B 106 17.29 11.48 12.94
CA ASN B 106 17.64 10.24 13.63
C ASN B 106 16.70 9.92 14.80
N ASP B 107 15.86 10.86 15.23
CA ASP B 107 14.94 10.62 16.33
C ASP B 107 13.65 11.40 16.13
N PRO B 108 12.83 11.00 15.17
CA PRO B 108 11.61 11.77 14.93
C PRO B 108 10.66 11.74 16.11
N VAL B 109 10.59 10.61 16.80
CA VAL B 109 9.70 10.53 17.94
C VAL B 109 10.12 11.52 19.01
N GLY B 110 11.41 11.51 19.36
CA GLY B 110 11.92 12.53 20.26
C GLY B 110 11.58 13.93 19.78
N PHE B 111 11.78 14.18 18.49
CA PHE B 111 11.55 15.53 18.00
C PHE B 111 10.11 15.95 18.19
N THR B 112 9.15 15.11 17.79
CA THR B 112 7.75 15.52 17.85
C THR B 112 7.30 15.70 19.29
N LEU B 113 7.86 14.90 20.20
CA LEU B 113 7.51 15.04 21.60
C LEU B 113 8.01 16.36 22.16
N LYS B 114 9.28 16.68 21.88
CA LYS B 114 9.94 17.80 22.53
C LYS B 114 9.51 19.14 21.96
N ASN B 115 8.93 19.18 20.78
CA ASN B 115 8.77 20.45 20.09
C ASN B 115 7.30 20.78 19.92
N THR B 116 7.06 21.99 19.43
CA THR B 116 5.69 22.47 19.37
C THR B 116 5.45 23.20 18.07
N VAL B 117 4.24 23.04 17.57
CA VAL B 117 3.81 23.63 16.32
C VAL B 117 3.19 24.99 16.59
N CYS B 118 3.61 26.00 15.84
CA CYS B 118 2.96 27.31 15.91
C CYS B 118 1.54 27.23 15.37
N THR B 119 0.57 27.57 16.23
CA THR B 119 -0.85 27.55 15.89
C THR B 119 -1.23 28.58 14.85
N VAL B 120 -0.33 29.50 14.52
CA VAL B 120 -0.65 30.55 13.56
C VAL B 120 -0.22 30.10 12.17
N CYS B 121 1.06 29.76 12.02
CA CYS B 121 1.60 29.50 10.69
C CYS B 121 1.83 28.01 10.38
N GLY B 122 1.66 27.13 11.35
CA GLY B 122 1.81 25.70 11.11
C GLY B 122 3.23 25.21 11.05
N MET B 123 4.23 26.08 11.23
CA MET B 123 5.61 25.65 11.29
C MET B 123 5.95 25.24 12.70
N TRP B 124 7.07 24.52 12.83
CA TRP B 124 7.59 24.19 14.14
C TRP B 124 8.16 25.44 14.80
N LYS B 125 7.83 25.65 16.08
CA LYS B 125 8.45 26.73 16.86
C LYS B 125 9.95 26.52 16.85
N GLY B 126 10.69 27.51 16.34
CA GLY B 126 12.14 27.44 16.33
C GLY B 126 12.74 26.63 15.21
N TYR B 127 11.93 26.09 14.31
CA TYR B 127 12.45 25.36 13.17
C TYR B 127 11.64 25.72 11.93
N GLY B 128 11.35 27.01 11.77
CA GLY B 128 10.57 27.47 10.65
C GLY B 128 9.59 28.57 11.02
N CYS B 129 9.16 28.60 12.28
CA CYS B 129 8.23 29.65 12.69
C CYS B 129 8.98 30.96 12.85
N SER B 130 8.55 31.98 12.13
CA SER B 130 9.10 33.33 12.22
C SER B 130 8.06 34.36 12.65
N CYS B 131 7.01 33.90 13.34
CA CYS B 131 5.96 34.81 13.78
C CYS B 131 6.46 35.74 14.87
N ASP B 132 7.45 35.31 15.65
CA ASP B 132 8.01 36.08 16.75
C ASP B 132 9.15 37.00 16.32
N GLN B 133 9.32 37.23 15.02
CA GLN B 133 10.37 38.11 14.54
C GLN B 133 9.77 39.47 14.16
N LEU B 134 10.61 40.49 14.21
CA LEU B 134 10.20 41.88 14.09
C LEU B 134 9.22 42.13 12.92
#